data_8RKB
#
_entry.id   8RKB
#
_cell.length_a   1.00
_cell.length_b   1.00
_cell.length_c   1.00
_cell.angle_alpha   90.00
_cell.angle_beta   90.00
_cell.angle_gamma   90.00
#
_symmetry.space_group_name_H-M   'P 1'
#
loop_
_entity.id
_entity.type
_entity.pdbx_description
1 polymer 'Portal protein'
2 polymer 'DUF1320 domain-containing protein'
#
loop_
_entity_poly.entity_id
_entity_poly.type
_entity_poly.pdbx_seq_one_letter_code
_entity_poly.pdbx_strand_id
1 'polypeptide(L)'
;MAQIVDVYGNPIRTQQLREPQTSRLAGLAKEFAQHPAKGLTPAKLARILVEAEQGNLQAQAELFMDMEERDAHLFAEMSK
RKRAILGLDWAVEPPRNASAAEKADADYLHELLLDLEGLEDLLLDALDGIGHGYSCIELEWALQGREWMPLAFHHRPQSW
FQLNPEDQNELRLRDNSPAGEALQPFGWIIHRPRARSGYVARSGLFRVLAWPYLFRHYATSDLAEMLEIYGLPIRLGKYP
PGTADEEKATLLRAVTGLGHAAAGIIPETMAIDFQQAAQGSSDPFLAMMRQSEDAISKAVLGGTLTSTTSQSGGGAFALG
QVHNEVRHDLLASDARQLAATLSRDLLWPLLVLNRPGSPDVRRAPRLVFDLREQADITSMAQSIPALVNVGLEIPSAWVY
DKLGIPQPAKNEPVLRSAAQPAILSRQHGQRVAALATIVGPRYGDQQALDKALASLPAKDMQDQVNDLLAPLLEAVNRGD
SETELLGALAEAFPDMDDSALTDALHRLLFAADTWGRLHGNLDRID
;
A
2 'polypeptide(L)'
;MSYCTLADLIEQYSEQKIREVSDRVNKPATTIDTVIVDRAIADADSEIDLHLHGRYQLPLASVPTALKRIACGLAYANLH
IVLKEENPVYKTAEHLRKLLSGIANGKLSLALDADGKPAPVANTVQISEGRNDWGADW
;
B
#
# COMPACT_ATOMS: atom_id res chain seq x y z
N VAL A 5 -5.95 20.50 -45.82
CA VAL A 5 -5.08 20.64 -44.66
C VAL A 5 -5.89 20.50 -43.38
N ASP A 6 -5.20 20.58 -42.24
CA ASP A 6 -5.85 20.48 -40.94
C ASP A 6 -6.32 21.86 -40.49
N VAL A 7 -6.91 21.91 -39.29
CA VAL A 7 -7.37 23.18 -38.75
C VAL A 7 -6.21 24.12 -38.49
N TYR A 8 -5.06 23.58 -38.05
CA TYR A 8 -3.90 24.40 -37.73
C TYR A 8 -3.14 24.86 -38.98
N GLY A 9 -3.53 24.40 -40.17
CA GLY A 9 -2.92 24.83 -41.40
C GLY A 9 -1.74 23.99 -41.85
N ASN A 10 -1.29 23.04 -41.05
CA ASN A 10 -0.15 22.24 -41.44
C ASN A 10 -0.47 21.45 -42.70
N PRO A 11 0.45 21.37 -43.67
CA PRO A 11 0.17 20.60 -44.88
C PRO A 11 -0.16 19.15 -44.54
N ILE A 12 -1.09 18.59 -45.29
CA ILE A 12 -1.57 17.23 -45.09
C ILE A 12 -1.20 16.41 -46.32
N ARG A 13 -0.54 15.27 -46.10
CA ARG A 13 -0.15 14.35 -47.16
C ARG A 13 -0.79 13.00 -46.90
N THR A 14 -1.59 12.52 -47.85
CA THR A 14 -2.32 11.27 -47.68
C THR A 14 -1.41 10.05 -47.75
N GLN A 15 -0.15 10.20 -48.15
CA GLN A 15 0.75 9.06 -48.21
C GLN A 15 1.01 8.47 -46.82
N GLN A 16 1.15 9.33 -45.81
CA GLN A 16 1.53 8.88 -44.48
C GLN A 16 0.37 8.28 -43.70
N LEU A 17 -0.86 8.34 -44.23
CA LEU A 17 -2.03 7.83 -43.54
C LEU A 17 -2.18 6.32 -43.66
N ARG A 18 -1.38 5.67 -44.50
CA ARG A 18 -1.54 4.22 -44.69
C ARG A 18 -1.04 3.44 -43.49
N GLU A 19 -0.07 3.97 -42.76
CA GLU A 19 0.52 3.29 -41.62
C GLU A 19 0.53 4.18 -40.40
N PRO A 20 0.30 3.64 -39.21
CA PRO A 20 0.40 4.44 -38.00
C PRO A 20 1.81 4.97 -37.79
N GLN A 21 1.88 6.14 -37.14
CA GLN A 21 3.19 6.76 -36.90
C GLN A 21 4.06 5.89 -36.01
N THR A 22 3.47 5.24 -35.00
CA THR A 22 4.22 4.45 -34.04
C THR A 22 4.57 3.07 -34.54
N SER A 23 4.15 2.70 -35.76
CA SER A 23 4.47 1.38 -36.28
C SER A 23 5.98 1.18 -36.39
N ARG A 24 6.71 2.21 -36.79
CA ARG A 24 8.16 2.15 -36.90
C ARG A 24 8.87 2.33 -35.58
N LEU A 25 8.16 2.22 -34.46
CA LEU A 25 8.73 2.35 -33.12
C LEU A 25 8.38 1.13 -32.28
N ALA A 26 8.64 -0.05 -32.84
CA ALA A 26 8.27 -1.30 -32.18
C ALA A 26 8.83 -1.40 -30.76
N GLY A 27 9.81 -0.57 -30.40
CA GLY A 27 10.34 -0.61 -29.05
C GLY A 27 9.33 -0.19 -28.00
N LEU A 28 8.45 0.76 -28.34
CA LEU A 28 7.49 1.27 -27.36
C LEU A 28 6.53 0.17 -26.92
N ALA A 29 6.04 -0.64 -27.85
CA ALA A 29 5.02 -1.62 -27.54
C ALA A 29 5.50 -2.71 -26.58
N LYS A 30 6.81 -2.83 -26.38
CA LYS A 30 7.37 -3.87 -25.52
C LYS A 30 7.67 -3.39 -24.11
N GLU A 31 7.35 -2.14 -23.79
CA GLU A 31 7.68 -1.58 -22.48
C GLU A 31 6.65 -1.98 -21.43
N PHE A 32 7.09 -1.97 -20.18
CA PHE A 32 6.24 -2.27 -19.03
C PHE A 32 6.32 -1.12 -18.04
N ALA A 33 5.20 -0.82 -17.39
CA ALA A 33 5.17 0.27 -16.42
C ALA A 33 6.08 -0.02 -15.25
N GLN A 34 6.73 1.02 -14.74
CA GLN A 34 7.70 0.88 -13.65
C GLN A 34 7.07 0.98 -12.27
N HIS A 35 5.79 1.34 -12.17
CA HIS A 35 5.09 1.37 -10.90
C HIS A 35 5.81 2.24 -9.88
N PRO A 36 5.92 3.56 -10.11
CA PRO A 36 6.63 4.42 -9.16
C PRO A 36 5.86 4.74 -7.89
N ALA A 37 4.63 4.26 -7.74
CA ALA A 37 3.86 4.54 -6.53
C ALA A 37 4.33 3.71 -5.36
N LYS A 38 4.84 2.50 -5.61
CA LYS A 38 5.32 1.66 -4.52
C LYS A 38 6.55 2.29 -3.88
N GLY A 39 6.56 2.34 -2.55
CA GLY A 39 7.66 2.98 -1.84
C GLY A 39 7.79 4.46 -2.14
N LEU A 40 6.67 5.18 -2.17
CA LEU A 40 6.65 6.59 -2.51
C LEU A 40 6.64 7.43 -1.23
N THR A 41 7.55 8.40 -1.17
CA THR A 41 7.66 9.34 -0.07
C THR A 41 7.41 10.76 -0.58
N PRO A 42 7.11 11.70 0.32
CA PRO A 42 6.86 13.07 -0.15
C PRO A 42 8.01 13.65 -0.97
N ALA A 43 9.25 13.36 -0.60
CA ALA A 43 10.39 13.83 -1.37
C ALA A 43 10.39 13.22 -2.77
N LYS A 44 10.11 11.92 -2.87
CA LYS A 44 10.03 11.28 -4.17
C LYS A 44 8.92 11.88 -5.02
N LEU A 45 7.77 12.14 -4.42
CA LEU A 45 6.66 12.73 -5.16
C LEU A 45 7.03 14.13 -5.66
N ALA A 46 7.67 14.93 -4.81
CA ALA A 46 8.09 16.26 -5.23
C ALA A 46 9.08 16.18 -6.39
N ARG A 47 10.04 15.26 -6.31
CA ARG A 47 11.00 15.10 -7.40
C ARG A 47 10.29 14.66 -8.68
N ILE A 48 9.33 13.75 -8.57
CA ILE A 48 8.61 13.29 -9.75
C ILE A 48 7.88 14.46 -10.42
N LEU A 49 7.17 15.26 -9.61
CA LEU A 49 6.43 16.39 -10.17
C LEU A 49 7.38 17.40 -10.82
N VAL A 50 8.49 17.73 -10.13
CA VAL A 50 9.42 18.71 -10.67
C VAL A 50 10.02 18.21 -11.99
N GLU A 51 10.41 16.93 -12.03
CA GLU A 51 10.97 16.38 -13.25
C GLU A 51 9.94 16.39 -14.38
N ALA A 52 8.68 16.09 -14.05
CA ALA A 52 7.63 16.16 -15.06
C ALA A 52 7.50 17.58 -15.61
N GLU A 53 7.64 18.59 -14.74
CA GLU A 53 7.60 19.97 -15.21
C GLU A 53 8.64 20.23 -16.28
N GLN A 54 9.73 19.48 -16.28
CA GLN A 54 10.87 19.71 -17.16
C GLN A 54 10.83 18.84 -18.42
N GLY A 55 9.79 18.03 -18.61
CA GLY A 55 9.64 17.25 -19.82
C GLY A 55 9.75 15.75 -19.65
N ASN A 56 9.87 15.26 -18.42
CA ASN A 56 9.94 13.82 -18.15
C ASN A 56 8.55 13.38 -17.67
N LEU A 57 7.66 13.13 -18.62
CA LEU A 57 6.28 12.79 -18.32
C LEU A 57 6.08 11.30 -18.07
N GLN A 58 7.08 10.46 -18.35
CA GLN A 58 6.90 9.03 -18.18
C GLN A 58 6.62 8.67 -16.72
N ALA A 59 7.47 9.15 -15.82
CA ALA A 59 7.29 8.83 -14.40
C ALA A 59 5.98 9.40 -13.88
N GLN A 60 5.63 10.61 -14.29
CA GLN A 60 4.37 11.21 -13.85
C GLN A 60 3.18 10.40 -14.34
N ALA A 61 3.21 9.96 -15.61
CA ALA A 61 2.09 9.17 -16.13
C ALA A 61 1.96 7.85 -15.39
N GLU A 62 3.08 7.16 -15.15
CA GLU A 62 3.00 5.89 -14.43
C GLU A 62 2.51 6.10 -12.99
N LEU A 63 2.98 7.16 -12.33
CA LEU A 63 2.51 7.45 -10.99
C LEU A 63 1.01 7.73 -10.98
N PHE A 64 0.52 8.47 -11.98
CA PHE A 64 -0.91 8.75 -12.06
C PHE A 64 -1.71 7.47 -12.25
N MET A 65 -1.22 6.56 -13.10
CA MET A 65 -1.91 5.30 -13.30
C MET A 65 -1.97 4.50 -12.00
N ASP A 66 -0.85 4.43 -11.28
CA ASP A 66 -0.84 3.73 -10.00
C ASP A 66 -1.80 4.38 -9.01
N MET A 67 -1.80 5.72 -8.97
CA MET A 67 -2.68 6.45 -8.07
C MET A 67 -4.14 6.14 -8.37
N GLU A 68 -4.49 6.10 -9.65
CA GLU A 68 -5.85 5.75 -10.05
C GLU A 68 -6.20 4.33 -9.60
N GLU A 69 -5.25 3.41 -9.73
CA GLU A 69 -5.55 2.01 -9.43
C GLU A 69 -5.66 1.76 -7.92
N ARG A 70 -4.80 2.40 -7.13
CA ARG A 70 -4.64 2.05 -5.72
C ARG A 70 -5.58 2.78 -4.79
N ASP A 71 -6.33 3.78 -5.26
CA ASP A 71 -7.25 4.54 -4.43
C ASP A 71 -8.67 4.26 -4.90
N ALA A 72 -9.48 3.66 -4.03
CA ALA A 72 -10.85 3.30 -4.41
C ALA A 72 -11.75 4.53 -4.48
N HIS A 73 -11.60 5.46 -3.53
CA HIS A 73 -12.43 6.65 -3.52
C HIS A 73 -12.16 7.51 -4.75
N LEU A 74 -10.88 7.77 -5.03
CA LEU A 74 -10.53 8.58 -6.19
C LEU A 74 -11.00 7.91 -7.49
N PHE A 75 -10.81 6.59 -7.58
CA PHE A 75 -11.24 5.88 -8.78
C PHE A 75 -12.75 5.97 -8.95
N ALA A 76 -13.50 5.82 -7.86
CA ALA A 76 -14.95 5.91 -7.96
C ALA A 76 -15.38 7.31 -8.40
N GLU A 77 -14.76 8.34 -7.84
CA GLU A 77 -15.11 9.71 -8.24
C GLU A 77 -14.83 9.94 -9.72
N MET A 78 -13.64 9.54 -10.19
CA MET A 78 -13.30 9.77 -11.59
C MET A 78 -14.21 8.97 -12.51
N SER A 79 -14.51 7.72 -12.14
CA SER A 79 -15.39 6.91 -12.97
C SER A 79 -16.78 7.51 -13.05
N LYS A 80 -17.32 8.00 -11.92
CA LYS A 80 -18.62 8.64 -11.93
C LYS A 80 -18.60 9.88 -12.82
N ARG A 81 -17.57 10.69 -12.70
CA ARG A 81 -17.48 11.91 -13.51
C ARG A 81 -17.45 11.57 -15.00
N LYS A 82 -16.68 10.56 -15.38
CA LYS A 82 -16.59 10.22 -16.80
C LYS A 82 -17.88 9.58 -17.31
N ARG A 83 -18.48 8.70 -16.51
CA ARG A 83 -19.74 8.08 -16.92
C ARG A 83 -20.84 9.11 -17.06
N ALA A 84 -20.74 10.23 -16.33
CA ALA A 84 -21.71 11.31 -16.53
C ALA A 84 -21.68 11.78 -17.98
N ILE A 85 -20.49 11.99 -18.55
CA ILE A 85 -20.37 12.39 -19.94
C ILE A 85 -20.79 11.26 -20.87
N LEU A 86 -20.35 10.04 -20.57
CA LEU A 86 -20.58 8.94 -21.50
C LEU A 86 -22.07 8.70 -21.76
N GLY A 87 -22.94 9.13 -20.85
CA GLY A 87 -24.36 8.93 -20.99
C GLY A 87 -25.12 10.06 -21.67
N LEU A 88 -24.43 11.07 -22.19
CA LEU A 88 -25.10 12.21 -22.82
C LEU A 88 -25.35 11.94 -24.29
N ASP A 89 -26.56 12.26 -24.74
CA ASP A 89 -26.87 12.20 -26.15
C ASP A 89 -26.19 13.35 -26.89
N TRP A 90 -25.79 13.08 -28.13
CA TRP A 90 -25.01 14.04 -28.91
C TRP A 90 -25.59 14.13 -30.32
N ALA A 91 -25.30 15.26 -30.97
CA ALA A 91 -25.74 15.49 -32.33
C ALA A 91 -24.74 16.40 -33.02
N VAL A 92 -24.75 16.34 -34.35
CA VAL A 92 -23.90 17.18 -35.19
C VAL A 92 -24.78 18.23 -35.85
N GLU A 93 -24.42 19.50 -35.65
CA GLU A 93 -25.22 20.60 -36.16
C GLU A 93 -24.44 21.38 -37.20
N PRO A 94 -25.10 21.92 -38.22
CA PRO A 94 -24.40 22.74 -39.22
C PRO A 94 -24.05 24.10 -38.66
N PRO A 95 -23.12 24.82 -39.30
CA PRO A 95 -22.72 26.13 -38.78
C PRO A 95 -23.85 27.14 -38.75
N ARG A 96 -23.58 28.34 -38.25
CA ARG A 96 -24.60 29.39 -38.21
C ARG A 96 -25.15 29.63 -39.61
N ASN A 97 -26.47 29.70 -39.71
CA ASN A 97 -27.19 29.97 -40.96
C ASN A 97 -26.51 29.29 -42.15
N ALA A 98 -26.38 27.97 -42.02
CA ALA A 98 -25.68 27.18 -43.03
C ALA A 98 -26.51 27.04 -44.30
N SER A 99 -25.83 26.79 -45.41
CA SER A 99 -26.46 26.62 -46.70
C SER A 99 -26.79 25.16 -46.94
N ALA A 100 -27.45 24.88 -48.07
CA ALA A 100 -27.89 23.52 -48.35
C ALA A 100 -26.72 22.55 -48.43
N ALA A 101 -25.63 22.96 -49.08
CA ALA A 101 -24.46 22.10 -49.17
C ALA A 101 -23.87 21.84 -47.78
N GLU A 102 -23.80 22.87 -46.94
CA GLU A 102 -23.30 22.69 -45.58
C GLU A 102 -24.21 21.77 -44.78
N LYS A 103 -25.53 21.94 -44.94
CA LYS A 103 -26.47 21.06 -44.24
C LYS A 103 -26.28 19.61 -44.69
N ALA A 104 -26.08 19.39 -45.98
CA ALA A 104 -25.83 18.03 -46.47
C ALA A 104 -24.55 17.47 -45.89
N ASP A 105 -23.49 18.27 -45.83
CA ASP A 105 -22.23 17.82 -45.25
C ASP A 105 -22.42 17.44 -43.79
N ALA A 106 -23.13 18.27 -43.03
CA ALA A 106 -23.37 17.97 -41.62
C ALA A 106 -24.19 16.70 -41.46
N ASP A 107 -25.22 16.52 -42.31
CA ASP A 107 -26.02 15.31 -42.24
C ASP A 107 -25.20 14.07 -42.53
N TYR A 108 -24.34 14.14 -43.56
CA TYR A 108 -23.50 12.99 -43.88
C TYR A 108 -22.53 12.68 -42.74
N LEU A 109 -21.93 13.71 -42.14
CA LEU A 109 -21.05 13.49 -41.01
C LEU A 109 -21.80 12.86 -39.85
N HIS A 110 -23.02 13.34 -39.57
CA HIS A 110 -23.82 12.77 -38.50
C HIS A 110 -24.10 11.30 -38.75
N GLU A 111 -24.50 10.96 -39.98
CA GLU A 111 -24.75 9.56 -40.32
C GLU A 111 -23.49 8.73 -40.15
N LEU A 112 -22.34 9.28 -40.54
CA LEU A 112 -21.09 8.54 -40.43
C LEU A 112 -20.73 8.28 -38.97
N LEU A 113 -20.88 9.28 -38.11
CA LEU A 113 -20.61 9.08 -36.69
C LEU A 113 -21.58 8.08 -36.07
N LEU A 114 -22.86 8.11 -36.46
CA LEU A 114 -23.80 7.14 -35.89
C LEU A 114 -23.36 5.72 -36.19
N ASP A 115 -22.92 5.45 -37.41
CA ASP A 115 -22.57 4.11 -37.85
C ASP A 115 -21.11 3.76 -37.57
N LEU A 116 -20.38 4.61 -36.87
CA LEU A 116 -18.97 4.38 -36.55
C LEU A 116 -18.88 3.66 -35.22
N GLU A 117 -18.46 2.39 -35.25
CA GLU A 117 -18.33 1.61 -34.03
C GLU A 117 -17.13 2.06 -33.21
N GLY A 118 -17.26 1.94 -31.90
CA GLY A 118 -16.20 2.34 -30.99
C GLY A 118 -16.21 3.78 -30.58
N LEU A 119 -17.31 4.50 -30.81
CA LEU A 119 -17.38 5.90 -30.40
C LEU A 119 -17.31 6.04 -28.89
N GLU A 120 -18.05 5.19 -28.15
CA GLU A 120 -18.05 5.27 -26.70
C GLU A 120 -16.66 5.03 -26.13
N ASP A 121 -15.95 4.05 -26.68
CA ASP A 121 -14.57 3.80 -26.24
C ASP A 121 -13.69 5.00 -26.53
N LEU A 122 -13.88 5.64 -27.69
CA LEU A 122 -13.12 6.84 -28.00
C LEU A 122 -13.38 7.94 -26.97
N LEU A 123 -14.63 8.16 -26.61
CA LEU A 123 -14.95 9.18 -25.62
C LEU A 123 -14.34 8.85 -24.27
N LEU A 124 -14.42 7.58 -23.86
CA LEU A 124 -13.82 7.17 -22.59
C LEU A 124 -12.32 7.41 -22.60
N ASP A 125 -11.65 7.02 -23.68
CA ASP A 125 -10.20 7.21 -23.76
C ASP A 125 -9.84 8.69 -23.74
N ALA A 126 -10.61 9.51 -24.44
CA ALA A 126 -10.34 10.95 -24.46
C ALA A 126 -10.51 11.56 -23.08
N LEU A 127 -11.53 11.11 -22.33
CA LEU A 127 -11.79 11.69 -21.02
C LEU A 127 -10.67 11.42 -20.02
N ASP A 128 -9.75 10.50 -20.32
CA ASP A 128 -8.61 10.28 -19.43
C ASP A 128 -7.76 11.53 -19.29
N GLY A 129 -7.79 12.41 -20.29
CA GLY A 129 -7.03 13.64 -20.22
C GLY A 129 -7.48 14.55 -19.09
N ILE A 130 -8.68 14.35 -18.56
CA ILE A 130 -9.14 15.15 -17.43
C ILE A 130 -8.18 15.00 -16.26
N GLY A 131 -7.82 13.75 -15.93
CA GLY A 131 -6.92 13.49 -14.82
C GLY A 131 -5.47 13.52 -15.24
N HIS A 132 -5.15 12.96 -16.42
CA HIS A 132 -3.76 12.93 -16.85
C HIS A 132 -3.29 14.23 -17.49
N GLY A 133 -4.20 15.14 -17.82
CA GLY A 133 -3.86 16.40 -18.43
C GLY A 133 -3.75 16.36 -19.93
N TYR A 134 -3.68 15.18 -20.54
CA TYR A 134 -3.63 15.05 -21.98
C TYR A 134 -3.82 13.58 -22.35
N SER A 135 -4.63 13.33 -23.36
CA SER A 135 -4.88 11.97 -23.84
C SER A 135 -4.69 11.95 -25.35
N CYS A 136 -3.93 10.96 -25.84
CA CYS A 136 -3.63 10.81 -27.25
C CYS A 136 -4.20 9.51 -27.76
N ILE A 137 -5.00 9.57 -28.82
CA ILE A 137 -5.62 8.41 -29.43
C ILE A 137 -5.17 8.34 -30.89
N GLU A 138 -4.53 7.24 -31.26
CA GLU A 138 -4.01 7.07 -32.61
C GLU A 138 -5.11 6.57 -33.54
N LEU A 139 -5.07 7.03 -34.79
CA LEU A 139 -6.10 6.71 -35.76
C LEU A 139 -5.58 5.69 -36.76
N GLU A 140 -6.45 4.77 -37.16
CA GLU A 140 -6.17 3.84 -38.25
C GLU A 140 -7.02 4.24 -39.44
N TRP A 141 -6.37 4.65 -40.53
CA TRP A 141 -7.06 5.14 -41.71
C TRP A 141 -7.06 4.05 -42.77
N ALA A 142 -8.23 3.79 -43.36
CA ALA A 142 -8.39 2.79 -44.40
C ALA A 142 -9.31 3.34 -45.48
N LEU A 143 -9.18 2.78 -46.67
CA LEU A 143 -9.97 3.19 -47.83
C LEU A 143 -10.89 2.04 -48.24
N GLN A 144 -12.19 2.27 -48.12
CA GLN A 144 -13.19 1.32 -48.65
C GLN A 144 -13.65 1.81 -50.02
N GLY A 145 -12.69 1.84 -50.94
CA GLY A 145 -12.92 2.36 -52.27
C GLY A 145 -12.40 3.78 -52.46
N ARG A 146 -13.30 4.76 -52.39
CA ARG A 146 -12.93 6.16 -52.60
C ARG A 146 -13.09 7.03 -51.37
N GLU A 147 -13.51 6.46 -50.24
CA GLU A 147 -13.84 7.23 -49.05
C GLU A 147 -12.99 6.74 -47.89
N TRP A 148 -12.29 7.65 -47.23
CA TRP A 148 -11.46 7.30 -46.09
C TRP A 148 -12.31 7.00 -44.87
N MET A 149 -11.86 6.04 -44.06
CA MET A 149 -12.59 5.62 -42.88
C MET A 149 -11.62 5.48 -41.71
N PRO A 150 -12.04 5.86 -40.49
CA PRO A 150 -11.23 5.50 -39.31
C PRO A 150 -11.44 4.04 -38.94
N LEU A 151 -10.45 3.20 -39.23
CA LEU A 151 -10.61 1.77 -38.98
C LEU A 151 -10.79 1.48 -37.50
N ALA A 152 -9.98 2.10 -36.65
CA ALA A 152 -10.05 1.87 -35.21
C ALA A 152 -9.40 3.03 -34.50
N PHE A 153 -9.66 3.12 -33.19
CA PHE A 153 -9.07 4.11 -32.32
C PHE A 153 -8.20 3.41 -31.29
N HIS A 154 -6.93 3.78 -31.22
CA HIS A 154 -5.98 3.19 -30.30
C HIS A 154 -5.54 4.26 -29.30
N HIS A 155 -5.69 3.96 -28.01
CA HIS A 155 -5.27 4.86 -26.95
C HIS A 155 -3.83 4.53 -26.57
N ARG A 156 -2.94 5.51 -26.70
CA ARG A 156 -1.54 5.27 -26.37
C ARG A 156 -1.22 5.82 -24.99
N PRO A 157 -0.45 5.10 -24.18
CA PRO A 157 -0.17 5.58 -22.82
C PRO A 157 0.51 6.95 -22.83
N GLN A 158 0.18 7.76 -21.82
CA GLN A 158 0.81 9.06 -21.68
C GLN A 158 2.31 8.94 -21.46
N SER A 159 2.79 7.78 -21.03
CA SER A 159 4.22 7.57 -20.83
C SER A 159 5.00 7.50 -22.14
N TRP A 160 4.31 7.44 -23.27
CA TRP A 160 4.97 7.34 -24.57
C TRP A 160 5.39 8.70 -25.13
N PHE A 161 5.09 9.80 -24.46
CA PHE A 161 5.32 11.13 -24.98
C PHE A 161 6.23 11.92 -24.06
N GLN A 162 6.56 13.13 -24.48
CA GLN A 162 7.43 14.02 -23.73
C GLN A 162 7.12 15.45 -24.16
N LEU A 163 7.92 16.39 -23.66
CA LEU A 163 7.80 17.80 -24.02
C LEU A 163 8.91 18.20 -24.98
N ASN A 164 8.57 19.09 -25.90
CA ASN A 164 9.57 19.63 -26.80
C ASN A 164 10.55 20.49 -26.02
N PRO A 165 11.86 20.29 -26.16
CA PRO A 165 12.81 21.17 -25.46
C PRO A 165 12.64 22.64 -25.81
N GLU A 166 12.20 22.95 -27.03
CA GLU A 166 12.01 24.33 -27.46
C GLU A 166 10.58 24.83 -27.25
N ASP A 167 9.70 24.00 -26.70
CA ASP A 167 8.30 24.41 -26.49
C ASP A 167 7.71 23.55 -25.39
N GLN A 168 7.22 24.18 -24.34
CA GLN A 168 6.69 23.48 -23.18
C GLN A 168 5.22 23.11 -23.32
N ASN A 169 4.57 23.51 -24.42
CA ASN A 169 3.17 23.20 -24.65
C ASN A 169 2.95 22.22 -25.79
N GLU A 170 4.02 21.69 -26.38
CA GLU A 170 3.93 20.83 -27.55
C GLU A 170 4.48 19.46 -27.19
N LEU A 171 3.67 18.43 -27.39
CA LEU A 171 4.02 17.05 -27.05
C LEU A 171 4.69 16.37 -28.23
N ARG A 172 5.53 15.38 -27.92
CA ARG A 172 6.26 14.65 -28.94
C ARG A 172 6.45 13.20 -28.51
N LEU A 173 6.58 12.32 -29.49
CA LEU A 173 6.80 10.90 -29.22
C LEU A 173 8.23 10.67 -28.73
N ARG A 174 8.41 9.57 -28.00
CA ARG A 174 9.73 9.18 -27.51
C ARG A 174 10.36 8.23 -28.53
N ASP A 175 11.26 8.76 -29.34
CA ASP A 175 11.94 8.00 -30.39
C ASP A 175 13.43 7.89 -30.13
N ASN A 176 13.82 7.87 -28.86
CA ASN A 176 15.21 7.75 -28.40
C ASN A 176 16.04 9.00 -28.68
N SER A 177 15.46 10.03 -29.34
CA SER A 177 16.21 11.25 -29.62
C SER A 177 15.88 12.33 -28.61
N PRO A 178 16.80 13.27 -28.37
CA PRO A 178 16.51 14.33 -27.39
C PRO A 178 15.24 15.10 -27.69
N ALA A 179 14.96 15.39 -28.97
CA ALA A 179 13.82 16.20 -29.35
C ALA A 179 12.56 15.39 -29.62
N GLY A 180 12.61 14.07 -29.44
CA GLY A 180 11.43 13.27 -29.71
C GLY A 180 11.04 13.32 -31.17
N GLU A 181 9.74 13.21 -31.42
CA GLU A 181 9.19 13.24 -32.76
C GLU A 181 7.87 14.01 -32.75
N ALA A 182 7.69 14.88 -33.73
CA ALA A 182 6.46 15.65 -33.83
C ALA A 182 5.28 14.73 -34.14
N LEU A 183 4.11 15.10 -33.63
CA LEU A 183 2.92 14.30 -33.87
C LEU A 183 2.46 14.45 -35.32
N GLN A 184 2.17 13.32 -35.95
CA GLN A 184 1.69 13.33 -37.33
C GLN A 184 0.34 14.03 -37.41
N PRO A 185 0.13 14.92 -38.38
CA PRO A 185 -1.22 15.46 -38.60
C PRO A 185 -2.20 14.36 -38.99
N PHE A 186 -3.43 14.52 -38.53
CA PHE A 186 -4.54 13.60 -38.84
C PHE A 186 -4.30 12.20 -38.31
N GLY A 187 -3.28 12.00 -37.48
CA GLY A 187 -2.98 10.68 -36.96
C GLY A 187 -3.35 10.50 -35.50
N TRP A 188 -3.81 11.57 -34.86
CA TRP A 188 -4.11 11.54 -33.43
C TRP A 188 -5.33 12.38 -33.12
N ILE A 189 -6.00 12.05 -32.03
CA ILE A 189 -7.02 12.90 -31.41
C ILE A 189 -6.50 13.24 -30.02
N ILE A 190 -5.89 14.41 -29.88
CA ILE A 190 -5.30 14.84 -28.62
C ILE A 190 -6.35 15.65 -27.86
N HIS A 191 -6.69 15.20 -26.66
CA HIS A 191 -7.62 15.89 -25.79
C HIS A 191 -6.85 16.44 -24.60
N ARG A 192 -6.90 17.76 -24.41
CA ARG A 192 -6.18 18.45 -23.35
C ARG A 192 -7.14 19.39 -22.64
N PRO A 193 -7.98 18.87 -21.75
CA PRO A 193 -8.86 19.75 -20.97
C PRO A 193 -8.04 20.68 -20.08
N ARG A 194 -8.59 21.87 -19.84
CA ARG A 194 -7.89 22.94 -19.14
C ARG A 194 -8.68 23.30 -17.88
N ALA A 195 -8.37 22.62 -16.77
CA ALA A 195 -8.93 23.01 -15.49
C ALA A 195 -8.25 24.26 -14.94
N ARG A 196 -6.94 24.35 -15.08
CA ARG A 196 -6.15 25.48 -14.62
C ARG A 196 -5.31 26.01 -15.77
N SER A 197 -5.04 27.31 -15.74
CA SER A 197 -4.26 27.96 -16.79
C SER A 197 -2.78 27.70 -16.54
N GLY A 198 -2.10 27.15 -17.55
CA GLY A 198 -0.68 26.86 -17.42
C GLY A 198 -0.22 25.95 -18.54
N TYR A 199 0.94 25.34 -18.33
CA TYR A 199 1.50 24.43 -19.31
C TYR A 199 0.84 23.06 -19.22
N VAL A 200 1.15 22.21 -20.20
CA VAL A 200 0.50 20.90 -20.29
C VAL A 200 0.90 20.02 -19.11
N ALA A 201 2.17 20.12 -18.67
CA ALA A 201 2.63 19.27 -17.57
C ALA A 201 1.85 19.56 -16.29
N ARG A 202 1.57 20.83 -16.01
CA ARG A 202 0.91 21.24 -14.78
C ARG A 202 -0.60 21.19 -14.86
N SER A 203 -1.17 20.78 -15.99
CA SER A 203 -2.60 20.92 -16.25
C SER A 203 -3.44 19.74 -15.75
N GLY A 204 -2.81 18.67 -15.26
CA GLY A 204 -3.58 17.52 -14.83
C GLY A 204 -4.22 17.72 -13.46
N LEU A 205 -5.37 17.08 -13.29
CA LEU A 205 -6.04 17.13 -11.99
C LEU A 205 -5.35 16.24 -10.97
N PHE A 206 -4.77 15.13 -11.42
CA PHE A 206 -4.02 14.26 -10.51
C PHE A 206 -2.86 15.00 -9.88
N ARG A 207 -2.33 16.04 -10.52
CA ARG A 207 -1.30 16.84 -9.88
C ARG A 207 -1.84 17.52 -8.63
N VAL A 208 -3.10 17.98 -8.69
CA VAL A 208 -3.73 18.55 -7.50
C VAL A 208 -4.03 17.45 -6.49
N LEU A 209 -4.48 16.29 -6.96
CA LEU A 209 -4.95 15.23 -6.08
C LEU A 209 -3.83 14.38 -5.49
N ALA A 210 -2.58 14.57 -5.91
CA ALA A 210 -1.51 13.68 -5.49
C ALA A 210 -1.30 13.72 -3.98
N TRP A 211 -1.22 14.93 -3.41
CA TRP A 211 -0.89 15.05 -1.99
C TRP A 211 -1.94 14.44 -1.09
N PRO A 212 -3.24 14.71 -1.27
CA PRO A 212 -4.24 14.00 -0.44
C PRO A 212 -4.15 12.49 -0.57
N TYR A 213 -3.83 11.99 -1.76
CA TYR A 213 -3.66 10.55 -1.93
C TYR A 213 -2.54 10.03 -1.06
N LEU A 214 -1.40 10.72 -1.03
CA LEU A 214 -0.28 10.28 -0.21
C LEU A 214 -0.63 10.36 1.27
N PHE A 215 -1.32 11.42 1.69
CA PHE A 215 -1.75 11.52 3.08
C PHE A 215 -2.63 10.32 3.46
N ARG A 216 -3.61 10.01 2.62
CA ARG A 216 -4.49 8.88 2.91
C ARG A 216 -3.74 7.57 2.93
N HIS A 217 -2.81 7.38 1.99
CA HIS A 217 -2.04 6.15 1.95
C HIS A 217 -1.22 5.97 3.22
N TYR A 218 -0.53 7.04 3.65
CA TYR A 218 0.25 6.95 4.88
C TYR A 218 -0.64 6.65 6.07
N ALA A 219 -1.78 7.33 6.18
CA ALA A 219 -2.67 7.10 7.32
C ALA A 219 -3.18 5.66 7.33
N THR A 220 -3.59 5.15 6.17
CA THR A 220 -4.11 3.79 6.11
C THR A 220 -3.05 2.76 6.45
N SER A 221 -1.83 2.93 5.93
CA SER A 221 -0.77 2.00 6.24
C SER A 221 -0.42 2.03 7.73
N ASP A 222 -0.34 3.23 8.31
CA ASP A 222 -0.05 3.33 9.74
C ASP A 222 -1.15 2.68 10.57
N LEU A 223 -2.41 2.89 10.19
CA LEU A 223 -3.51 2.26 10.92
C LEU A 223 -3.44 0.75 10.81
N ALA A 224 -3.11 0.23 9.63
CA ALA A 224 -2.99 -1.21 9.48
C ALA A 224 -1.88 -1.77 10.37
N GLU A 225 -0.74 -1.09 10.40
CA GLU A 225 0.35 -1.54 11.28
C GLU A 225 -0.08 -1.51 12.74
N MET A 226 -0.74 -0.43 13.16
CA MET A 226 -1.14 -0.32 14.56
C MET A 226 -2.18 -1.37 14.92
N LEU A 227 -3.05 -1.72 13.96
CA LEU A 227 -4.00 -2.80 14.21
C LEU A 227 -3.29 -4.13 14.31
N GLU A 228 -2.22 -4.31 13.53
CA GLU A 228 -1.44 -5.54 13.64
C GLU A 228 -0.79 -5.65 15.02
N ILE A 229 -0.24 -4.55 15.54
CA ILE A 229 0.44 -4.63 16.84
C ILE A 229 -0.57 -4.78 17.97
N TYR A 230 -1.77 -4.22 17.83
CA TYR A 230 -2.79 -4.32 18.86
C TYR A 230 -3.03 -5.75 19.29
N GLY A 231 -3.61 -5.92 20.49
CA GLY A 231 -3.91 -7.25 21.00
C GLY A 231 -3.15 -7.54 22.28
N LEU A 232 -2.25 -8.52 22.23
CA LEU A 232 -1.47 -8.89 23.39
C LEU A 232 -0.48 -7.78 23.71
N PRO A 233 -0.02 -7.71 24.96
CA PRO A 233 1.05 -6.77 25.31
C PRO A 233 2.43 -7.35 25.08
N ILE A 234 3.39 -6.45 24.84
CA ILE A 234 4.80 -6.87 24.84
C ILE A 234 5.22 -7.15 26.26
N ARG A 235 5.86 -8.31 26.46
CA ARG A 235 6.31 -8.77 27.76
C ARG A 235 7.76 -9.21 27.67
N LEU A 236 8.57 -8.73 28.60
CA LEU A 236 10.01 -8.93 28.58
C LEU A 236 10.41 -9.80 29.75
N GLY A 237 11.18 -10.85 29.48
CA GLY A 237 11.69 -11.74 30.50
C GLY A 237 13.10 -11.36 30.92
N LYS A 238 13.38 -11.54 32.21
CA LYS A 238 14.69 -11.23 32.76
C LYS A 238 15.22 -12.46 33.48
N TYR A 239 16.52 -12.73 33.32
CA TYR A 239 17.14 -13.91 33.90
C TYR A 239 18.37 -13.52 34.68
N PRO A 240 18.75 -14.30 35.69
CA PRO A 240 19.88 -13.93 36.54
C PRO A 240 21.20 -14.40 35.95
N PRO A 241 22.32 -13.95 36.50
CA PRO A 241 23.61 -14.47 36.03
C PRO A 241 23.71 -15.97 36.28
N GLY A 242 24.39 -16.66 35.38
CA GLY A 242 24.48 -18.10 35.46
C GLY A 242 23.34 -18.84 34.80
N THR A 243 22.64 -18.21 33.87
CA THR A 243 21.62 -18.88 33.07
C THR A 243 22.24 -19.29 31.75
N ALA A 244 22.23 -20.59 31.46
CA ALA A 244 22.90 -21.10 30.27
C ALA A 244 22.10 -20.77 29.02
N ASP A 245 22.70 -21.06 27.87
CA ASP A 245 22.07 -20.73 26.59
C ASP A 245 20.79 -21.53 26.37
N GLU A 246 20.77 -22.80 26.76
CA GLU A 246 19.56 -23.60 26.61
C GLU A 246 18.43 -23.04 27.46
N GLU A 247 18.74 -22.66 28.70
CA GLU A 247 17.72 -22.04 29.56
C GLU A 247 17.29 -20.70 29.00
N LYS A 248 18.22 -19.94 28.42
CA LYS A 248 17.86 -18.68 27.78
C LYS A 248 16.87 -18.91 26.64
N ALA A 249 17.12 -19.93 25.81
CA ALA A 249 16.21 -20.22 24.71
C ALA A 249 14.85 -20.68 25.22
N THR A 250 14.85 -21.48 26.29
CA THR A 250 13.58 -21.91 26.87
C THR A 250 12.80 -20.72 27.41
N LEU A 251 13.47 -19.80 28.10
CA LEU A 251 12.78 -18.61 28.59
C LEU A 251 12.26 -17.77 27.43
N LEU A 252 13.05 -17.64 26.36
CA LEU A 252 12.60 -16.86 25.21
C LEU A 252 11.36 -17.47 24.57
N ARG A 253 11.35 -18.78 24.39
CA ARG A 253 10.18 -19.42 23.80
C ARG A 253 8.96 -19.28 24.72
N ALA A 254 9.19 -19.41 26.03
CA ALA A 254 8.09 -19.24 26.99
C ALA A 254 7.49 -17.84 26.90
N VAL A 255 8.35 -16.83 26.83
CA VAL A 255 7.86 -15.45 26.71
C VAL A 255 7.14 -15.27 25.38
N THR A 256 7.70 -15.83 24.31
CA THR A 256 7.10 -15.67 22.98
C THR A 256 5.70 -16.27 22.94
N GLY A 257 5.51 -17.44 23.52
CA GLY A 257 4.22 -18.08 23.55
C GLY A 257 3.35 -17.76 24.73
N LEU A 258 3.79 -16.87 25.63
CA LEU A 258 3.04 -16.61 26.85
C LEU A 258 1.75 -15.86 26.55
N GLY A 259 1.76 -14.97 25.56
CA GLY A 259 0.56 -14.22 25.25
C GLY A 259 -0.58 -15.11 24.81
N HIS A 260 -0.30 -16.07 23.93
CA HIS A 260 -1.33 -17.01 23.51
C HIS A 260 -1.65 -18.00 24.62
N ALA A 261 -0.67 -18.37 25.41
CA ALA A 261 -0.83 -19.35 26.48
C ALA A 261 -1.30 -18.66 27.74
N ALA A 262 -2.43 -19.12 28.30
CA ALA A 262 -3.02 -18.46 29.44
C ALA A 262 -2.12 -18.50 30.67
N ALA A 263 -1.39 -19.60 30.87
CA ALA A 263 -0.66 -19.82 32.11
C ALA A 263 0.75 -20.29 31.82
N GLY A 264 1.64 -20.03 32.78
CA GLY A 264 3.01 -20.49 32.71
C GLY A 264 3.67 -20.34 34.06
N ILE A 265 4.77 -21.05 34.24
CA ILE A 265 5.51 -21.05 35.49
C ILE A 265 6.98 -20.77 35.21
N ILE A 266 7.58 -19.93 36.05
CA ILE A 266 9.01 -19.61 35.96
C ILE A 266 9.61 -19.64 37.35
N PRO A 267 10.93 -19.80 37.45
CA PRO A 267 11.57 -19.73 38.76
C PRO A 267 11.40 -18.36 39.39
N GLU A 268 11.39 -18.33 40.72
CA GLU A 268 11.26 -17.06 41.43
C GLU A 268 12.41 -16.12 41.12
N THR A 269 13.55 -16.64 40.66
CA THR A 269 14.69 -15.79 40.34
C THR A 269 14.52 -15.06 39.02
N MET A 270 13.60 -15.51 38.17
CA MET A 270 13.33 -14.84 36.90
C MET A 270 12.19 -13.84 37.09
N ALA A 271 11.88 -13.11 36.02
CA ALA A 271 10.84 -12.08 36.07
C ALA A 271 10.35 -11.80 34.67
N ILE A 272 9.05 -11.57 34.55
CA ILE A 272 8.42 -11.18 33.28
C ILE A 272 7.59 -9.94 33.54
N ASP A 273 7.80 -8.89 32.74
CA ASP A 273 7.12 -7.63 32.88
C ASP A 273 6.30 -7.37 31.62
N PHE A 274 5.01 -7.10 31.81
CA PHE A 274 4.09 -6.86 30.70
C PHE A 274 3.98 -5.36 30.48
N GLN A 275 4.53 -4.87 29.36
CA GLN A 275 4.56 -3.46 29.05
C GLN A 275 3.51 -3.13 28.00
N GLN A 276 3.05 -1.88 28.02
CA GLN A 276 2.05 -1.43 27.07
C GLN A 276 2.55 -1.64 25.65
N ALA A 277 1.68 -2.13 24.78
CA ALA A 277 2.03 -2.42 23.40
C ALA A 277 1.74 -1.23 22.49
N ALA A 278 0.47 -0.88 22.33
CA ALA A 278 0.07 0.29 21.58
C ALA A 278 -1.28 0.75 22.10
N GLN A 279 -1.29 1.87 22.82
CA GLN A 279 -2.50 2.38 23.45
C GLN A 279 -2.83 3.73 22.86
N GLY A 280 -4.03 3.84 22.32
CA GLY A 280 -4.48 5.05 21.67
C GLY A 280 -5.85 4.85 21.06
N SER A 281 -6.02 5.29 19.82
CA SER A 281 -7.29 5.12 19.13
C SER A 281 -7.04 5.24 17.64
N SER A 282 -8.09 4.97 16.87
CA SER A 282 -8.06 5.19 15.43
C SER A 282 -8.49 6.60 15.06
N ASP A 283 -8.78 7.45 16.04
CA ASP A 283 -9.33 8.78 15.74
C ASP A 283 -8.41 9.61 14.87
N PRO A 284 -7.11 9.73 15.16
CA PRO A 284 -6.26 10.59 14.29
C PRO A 284 -6.18 10.08 12.86
N PHE A 285 -5.93 8.78 12.70
CA PHE A 285 -5.85 8.22 11.35
C PHE A 285 -7.14 8.46 10.59
N LEU A 286 -8.28 8.12 11.18
CA LEU A 286 -9.56 8.28 10.49
C LEU A 286 -9.84 9.74 10.19
N ALA A 287 -9.46 10.65 11.08
CA ALA A 287 -9.61 12.08 10.81
C ALA A 287 -8.83 12.47 9.56
N MET A 288 -7.59 11.99 9.45
CA MET A 288 -6.80 12.31 8.27
C MET A 288 -7.41 11.72 7.01
N MET A 289 -7.89 10.48 7.08
CA MET A 289 -8.49 9.86 5.90
C MET A 289 -9.73 10.64 5.46
N ARG A 290 -10.58 11.03 6.42
CA ARG A 290 -11.76 11.79 6.08
C ARG A 290 -11.40 13.14 5.46
N GLN A 291 -10.39 13.81 6.01
CA GLN A 291 -9.96 15.08 5.43
C GLN A 291 -9.51 14.90 3.99
N SER A 292 -8.68 13.89 3.74
CA SER A 292 -8.18 13.66 2.39
C SER A 292 -9.32 13.31 1.43
N GLU A 293 -10.25 12.45 1.87
CA GLU A 293 -11.36 12.06 1.01
C GLU A 293 -12.26 13.24 0.68
N ASP A 294 -12.52 14.10 1.67
CA ASP A 294 -13.30 15.31 1.41
C ASP A 294 -12.59 16.21 0.41
N ALA A 295 -11.27 16.36 0.56
CA ALA A 295 -10.52 17.17 -0.39
C ALA A 295 -10.63 16.60 -1.80
N ILE A 296 -10.50 15.29 -1.94
CA ILE A 296 -10.59 14.66 -3.25
C ILE A 296 -11.99 14.87 -3.85
N SER A 297 -13.02 14.67 -3.03
CA SER A 297 -14.38 14.85 -3.53
C SER A 297 -14.62 16.28 -4.00
N LYS A 298 -14.18 17.26 -3.21
CA LYS A 298 -14.35 18.66 -3.61
C LYS A 298 -13.60 18.94 -4.90
N ALA A 299 -12.36 18.46 -5.01
CA ALA A 299 -11.56 18.75 -6.20
C ALA A 299 -12.14 18.10 -7.45
N VAL A 300 -12.72 16.91 -7.32
CA VAL A 300 -13.19 16.19 -8.50
C VAL A 300 -14.59 16.63 -8.90
N LEU A 301 -15.54 16.63 -7.95
CA LEU A 301 -16.94 16.81 -8.27
C LEU A 301 -17.59 18.02 -7.60
N GLY A 302 -16.86 18.80 -6.82
CA GLY A 302 -17.42 19.99 -6.21
C GLY A 302 -17.85 19.76 -4.78
N GLY A 303 -17.76 20.81 -3.98
CA GLY A 303 -18.09 20.73 -2.56
C GLY A 303 -19.51 21.12 -2.23
N THR A 304 -20.48 20.60 -2.99
CA THR A 304 -21.88 20.89 -2.74
C THR A 304 -22.72 19.61 -2.73
N LEU A 305 -22.24 18.57 -3.42
CA LEU A 305 -22.98 17.31 -3.53
C LEU A 305 -22.20 16.10 -3.05
N THR A 306 -20.88 16.09 -3.19
CA THR A 306 -20.09 14.90 -2.84
C THR A 306 -19.51 14.98 -1.44
N SER A 307 -18.67 15.99 -1.18
CA SER A 307 -18.04 16.11 0.14
C SER A 307 -19.05 16.62 1.16
N THR A 308 -19.53 17.85 0.95
CA THR A 308 -20.63 18.41 1.73
C THR A 308 -21.91 18.06 0.97
N THR A 309 -22.41 16.85 1.22
CA THR A 309 -23.49 16.31 0.41
C THR A 309 -24.73 17.20 0.49
N SER A 310 -25.43 17.31 -0.63
CA SER A 310 -26.63 18.12 -0.72
C SER A 310 -27.79 17.55 0.08
N GLN A 311 -27.66 16.33 0.60
CA GLN A 311 -28.71 15.70 1.39
C GLN A 311 -29.94 15.42 0.54
N SER A 312 -30.98 14.87 1.16
CA SER A 312 -32.19 14.49 0.44
C SER A 312 -33.08 15.70 0.23
N GLY A 313 -34.32 15.47 -0.20
CA GLY A 313 -35.26 16.54 -0.45
C GLY A 313 -35.66 16.61 -1.91
N GLY A 314 -36.89 16.19 -2.21
CA GLY A 314 -37.41 16.18 -3.56
C GLY A 314 -38.13 17.48 -3.91
N GLY A 315 -38.89 17.41 -4.99
CA GLY A 315 -39.64 18.57 -5.45
C GLY A 315 -39.45 18.83 -6.94
N ALA A 316 -40.31 19.67 -7.51
CA ALA A 316 -40.20 19.99 -8.93
C ALA A 316 -38.88 20.67 -9.25
N PHE A 317 -38.46 21.59 -8.39
CA PHE A 317 -37.20 22.32 -8.60
C PHE A 317 -36.01 21.63 -7.97
N ALA A 318 -36.20 20.43 -7.41
CA ALA A 318 -35.09 19.69 -6.81
C ALA A 318 -34.03 19.35 -7.84
N LEU A 319 -34.46 18.96 -9.05
CA LEU A 319 -33.49 18.68 -10.11
C LEU A 319 -32.61 19.89 -10.38
N GLY A 320 -33.22 21.06 -10.54
CA GLY A 320 -32.44 22.27 -10.76
C GLY A 320 -31.53 22.57 -9.60
N GLN A 321 -32.04 22.46 -8.37
CA GLN A 321 -31.22 22.75 -7.21
C GLN A 321 -29.99 21.85 -7.14
N VAL A 322 -30.18 20.56 -7.41
CA VAL A 322 -29.06 19.63 -7.35
C VAL A 322 -28.08 19.88 -8.49
N HIS A 323 -28.57 20.23 -9.69
CA HIS A 323 -27.75 20.21 -10.89
C HIS A 323 -27.10 21.57 -11.16
N ASN A 324 -27.94 22.61 -11.33
CA ASN A 324 -27.51 23.83 -12.01
C ASN A 324 -26.22 24.39 -11.41
N GLU A 325 -26.17 24.54 -10.10
CA GLU A 325 -24.94 24.97 -9.44
C GLU A 325 -24.04 23.76 -9.25
N VAL A 326 -22.80 23.88 -9.69
CA VAL A 326 -21.78 22.85 -9.55
C VAL A 326 -21.96 21.76 -10.60
N ARG A 327 -23.02 20.95 -10.49
CA ARG A 327 -23.05 19.75 -11.31
C ARG A 327 -23.25 20.10 -12.78
N HIS A 328 -24.20 21.00 -13.07
CA HIS A 328 -24.43 21.42 -14.43
C HIS A 328 -23.21 22.15 -14.99
N ASP A 329 -22.58 23.00 -14.19
CA ASP A 329 -21.41 23.72 -14.67
C ASP A 329 -20.29 22.75 -15.07
N LEU A 330 -19.99 21.78 -14.21
CA LEU A 330 -18.94 20.81 -14.52
C LEU A 330 -19.30 19.97 -15.73
N LEU A 331 -20.55 19.50 -15.79
CA LEU A 331 -21.00 18.70 -16.92
C LEU A 331 -20.87 19.47 -18.22
N ALA A 332 -21.33 20.72 -18.23
CA ALA A 332 -21.27 21.53 -19.44
C ALA A 332 -19.83 21.80 -19.85
N SER A 333 -18.96 22.13 -18.88
CA SER A 333 -17.57 22.39 -19.21
C SER A 333 -16.92 21.17 -19.85
N ASP A 334 -17.05 20.01 -19.22
CA ASP A 334 -16.42 18.81 -19.76
C ASP A 334 -16.99 18.46 -21.13
N ALA A 335 -18.32 18.52 -21.27
CA ALA A 335 -18.94 18.17 -22.55
C ALA A 335 -18.50 19.13 -23.65
N ARG A 336 -18.46 20.43 -23.36
CA ARG A 336 -18.07 21.40 -24.37
C ARG A 336 -16.61 21.20 -24.79
N GLN A 337 -15.72 20.97 -23.83
CA GLN A 337 -14.33 20.76 -24.19
C GLN A 337 -14.15 19.50 -25.03
N LEU A 338 -14.82 18.41 -24.64
CA LEU A 338 -14.74 17.18 -25.43
C LEU A 338 -15.29 17.38 -26.83
N ALA A 339 -16.42 18.09 -26.94
CA ALA A 339 -17.01 18.34 -28.25
C ALA A 339 -16.09 19.18 -29.12
N ALA A 340 -15.45 20.20 -28.53
CA ALA A 340 -14.51 21.01 -29.31
C ALA A 340 -13.35 20.16 -29.80
N THR A 341 -12.79 19.32 -28.92
CA THR A 341 -11.68 18.47 -29.34
C THR A 341 -12.11 17.54 -30.48
N LEU A 342 -13.29 16.93 -30.35
CA LEU A 342 -13.76 16.01 -31.38
C LEU A 342 -13.97 16.74 -32.70
N SER A 343 -14.69 17.87 -32.66
CA SER A 343 -14.92 18.63 -33.88
C SER A 343 -13.62 19.04 -34.53
N ARG A 344 -12.59 19.32 -33.74
CA ARG A 344 -11.31 19.72 -34.30
C ARG A 344 -10.59 18.54 -34.94
N ASP A 345 -10.59 17.39 -34.29
CA ASP A 345 -9.71 16.29 -34.67
C ASP A 345 -10.35 15.25 -35.58
N LEU A 346 -11.59 14.83 -35.31
CA LEU A 346 -12.22 13.75 -36.06
C LEU A 346 -13.16 14.24 -37.16
N LEU A 347 -13.98 15.26 -36.88
CA LEU A 347 -14.92 15.74 -37.89
C LEU A 347 -14.18 16.35 -39.08
N TRP A 348 -13.14 17.14 -38.82
CA TRP A 348 -12.48 17.86 -39.90
C TRP A 348 -11.81 16.94 -40.91
N PRO A 349 -11.01 15.95 -40.50
CA PRO A 349 -10.44 15.03 -41.52
C PRO A 349 -11.50 14.35 -42.36
N LEU A 350 -12.61 13.95 -41.75
CA LEU A 350 -13.69 13.33 -42.52
C LEU A 350 -14.25 14.29 -43.55
N LEU A 351 -14.48 15.54 -43.14
CA LEU A 351 -15.03 16.52 -44.07
C LEU A 351 -14.07 16.80 -45.22
N VAL A 352 -12.76 16.90 -44.93
CA VAL A 352 -11.80 17.30 -45.94
C VAL A 352 -11.25 16.14 -46.77
N LEU A 353 -11.55 14.89 -46.39
CA LEU A 353 -11.14 13.73 -47.17
C LEU A 353 -12.31 13.08 -47.89
N ASN A 354 -13.45 12.94 -47.24
CA ASN A 354 -14.59 12.20 -47.75
C ASN A 354 -15.51 13.03 -48.63
N ARG A 355 -15.27 14.33 -48.77
CA ARG A 355 -16.13 15.18 -49.57
C ARG A 355 -15.29 16.06 -50.49
N PRO A 356 -15.85 16.48 -51.62
CA PRO A 356 -15.10 17.32 -52.56
C PRO A 356 -15.04 18.77 -52.11
N GLY A 357 -14.13 19.51 -52.76
CA GLY A 357 -13.96 20.92 -52.48
C GLY A 357 -13.09 21.17 -51.27
N SER A 358 -12.92 22.46 -50.97
CA SER A 358 -12.11 22.92 -49.84
C SER A 358 -12.95 23.90 -49.03
N PRO A 359 -13.90 23.40 -48.23
CA PRO A 359 -14.72 24.31 -47.42
C PRO A 359 -13.88 25.09 -46.43
N ASP A 360 -14.31 26.33 -46.18
CA ASP A 360 -13.59 27.19 -45.24
C ASP A 360 -13.67 26.61 -43.83
N VAL A 361 -12.57 26.76 -43.08
CA VAL A 361 -12.47 26.14 -41.77
C VAL A 361 -13.51 26.72 -40.81
N ARG A 362 -13.78 28.03 -40.91
CA ARG A 362 -14.73 28.66 -40.01
C ARG A 362 -16.14 28.10 -40.16
N ARG A 363 -16.46 27.48 -41.29
CA ARG A 363 -17.79 26.97 -41.56
C ARG A 363 -17.90 25.46 -41.35
N ALA A 364 -16.93 24.85 -40.69
CA ALA A 364 -17.00 23.42 -40.46
C ALA A 364 -18.13 23.09 -39.47
N PRO A 365 -18.81 21.95 -39.65
CA PRO A 365 -19.81 21.56 -38.66
C PRO A 365 -19.18 21.25 -37.31
N ARG A 366 -19.97 21.45 -36.26
CA ARG A 366 -19.50 21.29 -34.88
C ARG A 366 -20.35 20.24 -34.18
N LEU A 367 -19.67 19.30 -33.51
CA LEU A 367 -20.37 18.33 -32.69
C LEU A 367 -20.89 18.99 -31.42
N VAL A 368 -22.14 18.70 -31.08
CA VAL A 368 -22.81 19.31 -29.94
C VAL A 368 -23.36 18.20 -29.05
N PHE A 369 -23.09 18.30 -27.76
CA PHE A 369 -23.67 17.39 -26.78
C PHE A 369 -24.99 17.96 -26.27
N ASP A 370 -25.92 17.05 -25.97
CA ASP A 370 -27.25 17.45 -25.51
C ASP A 370 -27.17 17.75 -24.02
N LEU A 371 -27.07 19.03 -23.68
CA LEU A 371 -27.03 19.49 -22.30
C LEU A 371 -28.39 19.94 -21.81
N ARG A 372 -29.45 19.67 -22.56
CA ARG A 372 -30.79 20.10 -22.16
C ARG A 372 -31.13 19.52 -20.79
N GLU A 373 -31.65 20.37 -19.92
CA GLU A 373 -32.03 19.98 -18.56
C GLU A 373 -33.54 19.78 -18.50
N GLN A 374 -33.97 18.69 -17.87
CA GLN A 374 -35.38 18.38 -17.79
C GLN A 374 -36.14 19.52 -17.12
N ALA A 375 -37.13 20.06 -17.83
CA ALA A 375 -37.94 21.15 -17.31
C ALA A 375 -39.27 20.62 -16.79
N ASP A 376 -39.79 21.25 -15.73
CA ASP A 376 -41.04 20.82 -15.13
C ASP A 376 -42.18 20.98 -16.12
N ILE A 377 -42.74 19.85 -16.57
CA ILE A 377 -43.81 19.90 -17.56
C ILE A 377 -45.10 20.44 -16.94
N THR A 378 -45.40 20.01 -15.71
CA THR A 378 -46.70 20.34 -15.13
C THR A 378 -46.83 21.83 -14.84
N SER A 379 -45.83 22.42 -14.18
CA SER A 379 -45.90 23.83 -13.83
C SER A 379 -46.03 24.69 -15.09
N MET A 380 -45.19 24.41 -16.09
CA MET A 380 -45.20 25.22 -17.30
C MET A 380 -46.49 25.02 -18.09
N ALA A 381 -47.01 23.78 -18.10
CA ALA A 381 -48.27 23.51 -18.79
C ALA A 381 -49.42 24.24 -18.12
N GLN A 382 -49.35 24.38 -16.80
CA GLN A 382 -50.29 25.26 -16.11
C GLN A 382 -50.09 26.70 -16.54
N SER A 383 -48.84 27.11 -16.74
CA SER A 383 -48.54 28.53 -16.97
C SER A 383 -48.99 28.99 -18.36
N ILE A 384 -48.73 28.19 -19.41
CA ILE A 384 -49.02 28.65 -20.78
C ILE A 384 -50.44 29.16 -20.92
N PRO A 385 -51.48 28.40 -20.53
CA PRO A 385 -52.85 28.84 -20.86
C PRO A 385 -53.15 30.25 -20.42
N ALA A 386 -52.70 30.65 -19.22
CA ALA A 386 -52.92 32.01 -18.77
C ALA A 386 -52.26 33.01 -19.72
N LEU A 387 -51.01 32.75 -20.08
CA LEU A 387 -50.28 33.69 -20.94
C LEU A 387 -50.94 33.79 -22.31
N VAL A 388 -51.34 32.67 -22.89
CA VAL A 388 -51.94 32.70 -24.22
C VAL A 388 -53.31 33.37 -24.19
N ASN A 389 -54.08 33.13 -23.13
CA ASN A 389 -55.34 33.85 -23.00
C ASN A 389 -55.13 35.34 -22.82
N VAL A 390 -54.02 35.74 -22.18
CA VAL A 390 -53.72 37.16 -22.04
C VAL A 390 -53.52 37.80 -23.41
N GLY A 391 -52.77 37.13 -24.29
CA GLY A 391 -52.55 37.64 -25.63
C GLY A 391 -51.15 37.43 -26.15
N LEU A 392 -50.25 36.96 -25.31
CA LEU A 392 -48.87 36.73 -25.73
C LEU A 392 -48.81 35.65 -26.80
N GLU A 393 -48.01 35.90 -27.84
CA GLU A 393 -47.80 34.93 -28.92
C GLU A 393 -46.44 34.26 -28.70
N ILE A 394 -46.45 33.22 -27.87
CA ILE A 394 -45.23 32.46 -27.60
C ILE A 394 -44.97 31.52 -28.77
N PRO A 395 -43.77 31.50 -29.34
CA PRO A 395 -43.50 30.57 -30.45
C PRO A 395 -43.56 29.13 -29.97
N SER A 396 -44.02 28.26 -30.87
CA SER A 396 -44.06 26.83 -30.58
C SER A 396 -42.68 26.20 -30.64
N ALA A 397 -41.76 26.79 -31.40
CA ALA A 397 -40.41 26.24 -31.50
C ALA A 397 -39.72 26.24 -30.15
N TRP A 398 -39.85 27.32 -29.39
CA TRP A 398 -39.24 27.37 -28.06
C TRP A 398 -39.81 26.28 -27.17
N VAL A 399 -41.13 26.09 -27.21
CA VAL A 399 -41.75 25.06 -26.38
C VAL A 399 -41.21 23.68 -26.76
N TYR A 400 -41.24 23.36 -28.06
CA TYR A 400 -40.82 22.04 -28.49
C TYR A 400 -39.36 21.80 -28.13
N ASP A 401 -38.51 22.80 -28.32
CA ASP A 401 -37.09 22.64 -28.00
C ASP A 401 -36.87 22.45 -26.51
N LYS A 402 -37.55 23.24 -25.67
CA LYS A 402 -37.24 23.22 -24.25
C LYS A 402 -37.83 21.99 -23.57
N LEU A 403 -39.00 21.54 -24.01
CA LEU A 403 -39.63 20.35 -23.43
C LEU A 403 -38.96 19.06 -23.86
N GLY A 404 -38.19 19.07 -24.94
CA GLY A 404 -37.64 17.86 -25.51
C GLY A 404 -38.55 17.18 -26.51
N ILE A 405 -39.80 17.61 -26.62
CA ILE A 405 -40.71 17.02 -27.61
C ILE A 405 -40.30 17.47 -29.00
N PRO A 406 -40.27 16.59 -30.00
CA PRO A 406 -39.89 17.02 -31.34
C PRO A 406 -41.03 17.69 -32.08
N GLN A 407 -40.65 18.56 -33.02
CA GLN A 407 -41.65 19.21 -33.85
C GLN A 407 -42.32 18.20 -34.77
N PRO A 408 -43.60 18.38 -35.09
CA PRO A 408 -44.26 17.47 -36.02
C PRO A 408 -43.59 17.49 -37.40
N ALA A 409 -43.57 16.32 -38.03
CA ALA A 409 -42.97 16.18 -39.35
C ALA A 409 -44.01 15.72 -40.36
N SER B 2 28.45 -40.45 42.68
CA SER B 2 29.87 -40.52 43.01
C SER B 2 30.62 -39.40 42.28
N TYR B 3 30.52 -38.18 42.80
CA TYR B 3 31.19 -37.04 42.19
C TYR B 3 32.68 -37.01 42.49
N CYS B 4 33.13 -37.74 43.50
CA CYS B 4 34.55 -37.85 43.83
C CYS B 4 34.84 -39.26 44.30
N THR B 5 36.11 -39.63 44.24
CA THR B 5 36.57 -40.97 44.58
C THR B 5 37.70 -40.87 45.59
N LEU B 6 38.17 -42.03 46.07
CA LEU B 6 39.28 -42.04 47.01
C LEU B 6 40.54 -41.46 46.37
N ALA B 7 40.73 -41.70 45.07
CA ALA B 7 41.87 -41.12 44.37
C ALA B 7 41.82 -39.60 44.42
N ASP B 8 40.63 -39.02 44.20
CA ASP B 8 40.50 -37.58 44.25
C ASP B 8 40.82 -37.04 45.64
N LEU B 9 40.33 -37.71 46.68
CA LEU B 9 40.62 -37.25 48.03
C LEU B 9 42.12 -37.31 48.33
N ILE B 10 42.77 -38.42 47.93
CA ILE B 10 44.21 -38.53 48.16
C ILE B 10 44.94 -37.42 47.41
N GLU B 11 44.56 -37.17 46.16
CA GLU B 11 45.25 -36.17 45.36
C GLU B 11 45.07 -34.78 45.95
N GLN B 12 43.87 -34.47 46.46
CA GLN B 12 43.60 -33.13 46.98
C GLN B 12 44.21 -32.91 48.36
N TYR B 13 44.19 -33.94 49.22
CA TYR B 13 44.62 -33.79 50.61
C TYR B 13 45.79 -34.69 50.97
N SER B 14 46.45 -35.32 50.01
CA SER B 14 47.58 -36.19 50.29
C SER B 14 47.10 -37.45 51.00
N GLU B 15 47.76 -38.58 50.74
CA GLU B 15 47.35 -39.86 51.31
C GLU B 15 47.55 -39.91 52.82
N GLN B 16 48.53 -39.18 53.36
CA GLN B 16 48.77 -39.22 54.80
C GLN B 16 47.59 -38.68 55.58
N LYS B 17 47.02 -37.55 55.15
CA LYS B 17 45.92 -36.95 55.88
C LYS B 17 44.67 -37.82 55.80
N ILE B 18 44.41 -38.41 54.63
CA ILE B 18 43.27 -39.32 54.50
C ILE B 18 43.45 -40.52 55.42
N ARG B 19 44.67 -41.07 55.47
CA ARG B 19 44.93 -42.17 56.39
C ARG B 19 44.70 -41.76 57.83
N GLU B 20 45.17 -40.57 58.21
CA GLU B 20 45.06 -40.13 59.59
C GLU B 20 43.60 -39.91 59.99
N VAL B 21 42.80 -39.32 59.11
CA VAL B 21 41.40 -39.01 59.45
C VAL B 21 40.45 -40.17 59.14
N SER B 22 40.92 -41.25 58.51
CA SER B 22 40.08 -42.36 58.16
C SER B 22 40.30 -43.61 59.02
N ASP B 23 41.51 -43.82 59.50
CA ASP B 23 41.83 -44.99 60.32
C ASP B 23 41.53 -44.67 61.77
N ARG B 24 40.48 -45.27 62.32
CA ARG B 24 40.03 -44.96 63.68
C ARG B 24 40.36 -46.06 64.68
N VAL B 25 40.83 -47.21 64.24
CA VAL B 25 41.03 -48.36 65.12
C VAL B 25 42.51 -48.58 65.43
N ASN B 26 43.41 -48.14 64.55
CA ASN B 26 44.84 -48.28 64.75
C ASN B 26 45.44 -46.94 65.12
N LYS B 27 46.25 -46.91 66.17
CA LYS B 27 46.99 -45.72 66.57
C LYS B 27 48.46 -46.09 66.72
N PRO B 28 49.35 -45.61 65.83
CA PRO B 28 49.12 -44.69 64.71
C PRO B 28 48.42 -45.37 63.53
N ALA B 29 47.82 -44.59 62.64
CA ALA B 29 47.08 -45.15 61.51
C ALA B 29 48.04 -45.88 60.56
N THR B 30 47.51 -46.92 59.92
CA THR B 30 48.27 -47.71 58.97
C THR B 30 47.63 -47.78 57.59
N THR B 31 46.30 -47.90 57.51
CA THR B 31 45.61 -48.07 56.25
C THR B 31 44.40 -47.14 56.21
N ILE B 32 43.94 -46.87 54.98
CA ILE B 32 42.76 -46.05 54.75
C ILE B 32 41.54 -46.95 54.73
N ASP B 33 40.54 -46.62 55.54
CA ASP B 33 39.30 -47.38 55.60
C ASP B 33 38.42 -46.98 54.43
N THR B 34 38.19 -47.90 53.50
CA THR B 34 37.40 -47.58 52.32
C THR B 34 35.94 -47.34 52.65
N VAL B 35 35.39 -48.06 53.63
CA VAL B 35 33.98 -47.90 53.95
C VAL B 35 33.69 -46.50 54.49
N ILE B 36 34.55 -45.99 55.37
CA ILE B 36 34.33 -44.66 55.94
C ILE B 36 34.42 -43.61 54.85
N VAL B 37 35.40 -43.72 53.97
CA VAL B 37 35.55 -42.76 52.88
C VAL B 37 34.33 -42.83 51.97
N ASP B 38 33.85 -44.03 51.68
CA ASP B 38 32.67 -44.18 50.83
C ASP B 38 31.47 -43.50 51.45
N ARG B 39 31.27 -43.69 52.77
CA ARG B 39 30.14 -43.05 53.42
C ARG B 39 30.27 -41.53 53.41
N ALA B 40 31.47 -41.01 53.64
CA ALA B 40 31.66 -39.56 53.61
C ALA B 40 31.35 -39.00 52.23
N ILE B 41 31.84 -39.68 51.18
CA ILE B 41 31.59 -39.22 49.82
C ILE B 41 30.11 -39.29 49.50
N ALA B 42 29.44 -40.35 49.97
CA ALA B 42 28.00 -40.47 49.74
C ALA B 42 27.24 -39.33 50.42
N ASP B 43 27.64 -38.98 51.65
CA ASP B 43 26.98 -37.87 52.34
C ASP B 43 27.20 -36.56 51.61
N ALA B 44 28.42 -36.32 51.12
CA ALA B 44 28.67 -35.11 50.35
C ALA B 44 27.81 -35.07 49.10
N ASP B 45 27.69 -36.20 48.40
CA ASP B 45 26.86 -36.26 47.21
C ASP B 45 25.40 -36.01 47.56
N SER B 46 24.94 -36.55 48.68
CA SER B 46 23.55 -36.33 49.09
C SER B 46 23.28 -34.86 49.35
N GLU B 47 24.20 -34.18 50.04
CA GLU B 47 24.02 -32.75 50.27
C GLU B 47 24.01 -31.98 48.96
N ILE B 48 24.92 -32.32 48.05
CA ILE B 48 24.98 -31.61 46.77
C ILE B 48 23.70 -31.82 46.00
N ASP B 49 23.17 -33.04 46.00
CA ASP B 49 21.91 -33.30 45.32
C ASP B 49 20.78 -32.52 45.97
N LEU B 50 20.75 -32.45 47.30
CA LEU B 50 19.79 -31.59 47.98
C LEU B 50 19.83 -30.19 47.41
N HIS B 51 21.04 -29.68 47.15
CA HIS B 51 21.15 -28.31 46.63
C HIS B 51 20.81 -28.20 45.16
N LEU B 52 21.01 -29.26 44.38
CA LEU B 52 20.90 -29.19 42.93
C LEU B 52 19.66 -29.86 42.36
N HIS B 53 18.74 -30.34 43.20
CA HIS B 53 17.62 -31.12 42.69
C HIS B 53 16.64 -30.27 41.91
N GLY B 54 16.51 -28.98 42.24
CA GLY B 54 15.50 -28.14 41.62
C GLY B 54 15.87 -27.55 40.28
N ARG B 55 17.12 -27.71 39.82
CA ARG B 55 17.58 -27.11 38.58
C ARG B 55 18.13 -28.10 37.57
N TYR B 56 18.54 -29.29 38.00
CA TYR B 56 19.12 -30.28 37.11
C TYR B 56 18.56 -31.65 37.46
N GLN B 57 18.76 -32.60 36.54
CA GLN B 57 18.37 -33.98 36.81
C GLN B 57 19.28 -34.58 37.89
N LEU B 58 18.70 -35.48 38.70
CA LEU B 58 19.45 -36.06 39.81
C LEU B 58 20.55 -36.99 39.30
N PRO B 59 20.22 -38.11 38.66
CA PRO B 59 21.28 -39.04 38.24
C PRO B 59 22.11 -38.47 37.11
N LEU B 60 22.98 -37.51 37.42
CA LEU B 60 23.84 -36.91 36.41
C LEU B 60 24.68 -37.99 35.74
N ALA B 61 24.72 -37.96 34.41
CA ALA B 61 25.56 -38.90 33.67
C ALA B 61 27.02 -38.49 33.67
N SER B 62 27.33 -37.23 33.97
CA SER B 62 28.69 -36.74 34.03
C SER B 62 28.85 -35.84 35.24
N VAL B 63 30.09 -35.72 35.71
CA VAL B 63 30.43 -34.97 36.91
C VAL B 63 31.18 -33.70 36.48
N PRO B 64 30.60 -32.51 36.61
CA PRO B 64 31.37 -31.29 36.36
C PRO B 64 32.52 -31.13 37.35
N THR B 65 33.59 -30.47 36.88
CA THR B 65 34.81 -30.36 37.68
C THR B 65 34.57 -29.61 38.98
N ALA B 66 33.83 -28.50 38.92
CA ALA B 66 33.50 -27.78 40.13
C ALA B 66 32.76 -28.69 41.11
N LEU B 67 31.91 -29.57 40.58
CA LEU B 67 31.22 -30.53 41.41
C LEU B 67 32.20 -31.48 42.07
N LYS B 68 33.26 -31.87 41.36
CA LYS B 68 34.29 -32.71 41.95
C LYS B 68 34.98 -32.01 43.10
N ARG B 69 35.36 -30.75 42.92
CA ARG B 69 36.03 -30.02 43.99
C ARG B 69 35.11 -29.88 45.20
N ILE B 70 33.84 -29.53 44.98
CA ILE B 70 32.90 -29.37 46.07
C ILE B 70 32.71 -30.68 46.82
N ALA B 71 32.56 -31.78 46.08
CA ALA B 71 32.37 -33.08 46.71
C ALA B 71 33.59 -33.47 47.53
N CYS B 72 34.79 -33.24 47.00
CA CYS B 72 35.99 -33.58 47.74
C CYS B 72 36.07 -32.79 49.05
N GLY B 73 35.78 -31.48 48.98
CA GLY B 73 35.84 -30.68 50.19
C GLY B 73 34.83 -31.13 51.23
N LEU B 74 33.59 -31.36 50.80
CA LEU B 74 32.55 -31.78 51.74
C LEU B 74 32.87 -33.15 52.32
N ALA B 75 33.38 -34.07 51.50
CA ALA B 75 33.74 -35.39 51.99
C ALA B 75 34.84 -35.31 53.03
N TYR B 76 35.87 -34.50 52.78
CA TYR B 76 36.92 -34.35 53.79
C TYR B 76 36.37 -33.76 55.07
N ALA B 77 35.49 -32.76 54.96
CA ALA B 77 34.89 -32.17 56.15
C ALA B 77 34.07 -33.19 56.92
N ASN B 78 33.46 -34.16 56.20
CA ASN B 78 32.64 -35.16 56.86
C ASN B 78 33.47 -36.23 57.56
N LEU B 79 34.75 -36.39 57.19
CA LEU B 79 35.60 -37.39 57.81
C LEU B 79 36.08 -36.98 59.20
N HIS B 80 35.77 -35.77 59.65
CA HIS B 80 36.15 -35.32 60.99
C HIS B 80 34.99 -35.60 61.95
N ILE B 81 35.27 -36.41 62.98
CA ILE B 81 34.25 -36.71 63.97
C ILE B 81 33.82 -35.44 64.70
N VAL B 82 34.79 -34.64 65.12
CA VAL B 82 34.55 -33.38 65.81
C VAL B 82 35.16 -32.27 64.98
N LEU B 83 34.34 -31.27 64.62
CA LEU B 83 34.77 -30.17 63.78
C LEU B 83 34.32 -28.86 64.43
N LYS B 84 35.28 -28.05 64.86
CA LYS B 84 34.97 -26.80 65.51
C LYS B 84 34.70 -25.71 64.46
N GLU B 85 34.24 -24.55 64.95
CA GLU B 85 33.84 -23.48 64.04
C GLU B 85 35.06 -22.84 63.36
N GLU B 86 36.15 -22.65 64.10
CA GLU B 86 37.31 -21.96 63.55
C GLU B 86 38.28 -22.89 62.84
N ASN B 87 37.98 -24.18 62.74
CA ASN B 87 38.82 -25.08 61.98
C ASN B 87 38.81 -24.67 60.51
N PRO B 88 39.97 -24.49 59.87
CA PRO B 88 39.96 -24.05 58.46
C PRO B 88 39.20 -24.99 57.54
N VAL B 89 39.19 -26.28 57.81
CA VAL B 89 38.42 -27.22 56.98
C VAL B 89 36.94 -26.86 57.05
N TYR B 90 36.46 -26.46 58.22
CA TYR B 90 35.07 -26.03 58.35
C TYR B 90 34.81 -24.79 57.49
N LYS B 91 35.76 -23.86 57.47
CA LYS B 91 35.60 -22.66 56.64
C LYS B 91 35.56 -23.01 55.16
N THR B 92 36.41 -23.95 54.73
CA THR B 92 36.37 -24.39 53.34
C THR B 92 35.03 -25.03 53.01
N ALA B 93 34.52 -25.86 53.93
CA ALA B 93 33.21 -26.46 53.71
C ALA B 93 32.12 -25.38 53.60
N GLU B 94 32.19 -24.35 54.44
CA GLU B 94 31.23 -23.27 54.37
C GLU B 94 31.30 -22.53 53.04
N HIS B 95 32.52 -22.28 52.55
CA HIS B 95 32.66 -21.62 51.26
C HIS B 95 32.07 -22.48 50.14
N LEU B 96 32.32 -23.78 50.18
CA LEU B 96 31.76 -24.66 49.15
C LEU B 96 30.24 -24.69 49.23
N ARG B 97 29.69 -24.70 50.44
CA ARG B 97 28.23 -24.64 50.59
C ARG B 97 27.69 -23.33 50.05
N LYS B 98 28.43 -22.24 50.24
CA LYS B 98 28.02 -20.96 49.66
C LYS B 98 28.00 -21.03 48.14
N LEU B 99 29.00 -21.69 47.55
CA LEU B 99 29.01 -21.89 46.10
C LEU B 99 27.78 -22.69 45.66
N LEU B 100 27.46 -23.75 46.41
CA LEU B 100 26.29 -24.56 46.07
C LEU B 100 25.01 -23.74 46.14
N SER B 101 24.87 -22.95 47.20
CA SER B 101 23.68 -22.11 47.35
C SER B 101 23.58 -21.09 46.22
N GLY B 102 24.71 -20.51 45.83
CA GLY B 102 24.71 -19.60 44.70
C GLY B 102 24.27 -20.28 43.42
N ILE B 103 24.71 -21.52 43.22
CA ILE B 103 24.26 -22.27 42.05
C ILE B 103 22.76 -22.50 42.11
N ALA B 104 22.25 -22.89 43.28
CA ALA B 104 20.83 -23.20 43.40
C ALA B 104 19.97 -21.97 43.13
N ASN B 105 20.38 -20.81 43.63
CA ASN B 105 19.63 -19.57 43.45
C ASN B 105 19.84 -18.94 42.08
N GLY B 106 20.45 -19.65 41.14
CA GLY B 106 20.57 -19.13 39.79
C GLY B 106 21.54 -17.98 39.64
N LYS B 107 22.52 -17.86 40.53
CA LYS B 107 23.56 -16.84 40.39
C LYS B 107 24.83 -17.40 39.77
N LEU B 108 25.04 -18.71 39.87
CA LEU B 108 26.15 -19.39 39.23
C LEU B 108 25.61 -20.52 38.37
N SER B 109 26.30 -20.79 37.27
CA SER B 109 25.92 -21.85 36.35
C SER B 109 26.79 -23.08 36.59
N LEU B 110 26.20 -24.25 36.43
CA LEU B 110 26.95 -25.49 36.51
C LEU B 110 27.76 -25.65 35.23
N ALA B 111 29.08 -25.75 35.38
CA ALA B 111 29.98 -25.63 34.24
C ALA B 111 29.94 -26.89 33.37
N LEU B 112 30.82 -26.92 32.39
CA LEU B 112 30.95 -28.05 31.48
C LEU B 112 31.44 -29.28 32.25
N ASP B 113 31.02 -30.46 31.80
CA ASP B 113 31.51 -31.68 32.45
C ASP B 113 32.86 -32.08 31.89
N ALA B 114 32.93 -32.44 30.61
CA ALA B 114 34.18 -32.55 29.87
C ALA B 114 34.18 -31.68 28.63
N ASP B 115 33.13 -31.79 27.81
CA ASP B 115 32.94 -30.91 26.66
C ASP B 115 31.51 -30.41 26.50
N GLY B 116 30.51 -31.09 27.05
CA GLY B 116 29.12 -30.73 26.86
C GLY B 116 28.50 -30.12 28.11
N LYS B 117 27.34 -29.51 27.91
CA LYS B 117 26.65 -28.83 29.00
C LYS B 117 25.97 -29.85 29.92
N PRO B 118 25.64 -29.43 31.15
CA PRO B 118 24.79 -30.29 31.99
C PRO B 118 23.38 -30.38 31.43
N ALA B 119 22.48 -31.05 32.15
CA ALA B 119 21.10 -31.27 31.71
C ALA B 119 20.15 -30.56 32.66
N PRO B 120 19.77 -29.32 32.37
CA PRO B 120 18.79 -28.64 33.23
C PRO B 120 17.42 -29.31 33.17
N VAL B 121 16.67 -29.17 34.26
CA VAL B 121 15.33 -29.72 34.37
C VAL B 121 14.38 -28.87 33.55
N ALA B 122 13.16 -29.37 33.31
CA ALA B 122 12.17 -28.69 32.51
C ALA B 122 11.26 -27.78 33.33
N ASN B 123 11.76 -27.25 34.46
CA ASN B 123 10.90 -26.47 35.33
C ASN B 123 10.43 -25.18 34.65
N THR B 124 11.32 -24.50 33.94
CA THR B 124 10.95 -23.25 33.28
C THR B 124 10.17 -23.47 31.98
N VAL B 125 10.22 -24.67 31.42
CA VAL B 125 9.65 -24.88 30.09
C VAL B 125 8.14 -24.69 30.11
N GLN B 126 7.50 -25.07 31.21
CA GLN B 126 6.05 -25.20 31.24
C GLN B 126 5.35 -23.91 30.83
N ILE B 127 4.47 -24.03 29.83
CA ILE B 127 3.47 -23.03 29.50
C ILE B 127 2.17 -23.78 29.22
N SER B 128 1.05 -23.06 29.23
CA SER B 128 -0.25 -23.70 29.15
C SER B 128 -0.34 -24.58 27.90
N GLU B 129 -0.28 -23.96 26.73
CA GLU B 129 -0.34 -24.68 25.45
C GLU B 129 -0.39 -23.68 24.30
N GLY B 130 -1.23 -22.66 24.45
CA GLY B 130 -1.34 -21.63 23.43
C GLY B 130 -2.49 -21.87 22.49
N ARG B 131 -3.58 -21.12 22.65
CA ARG B 131 -4.72 -21.23 21.77
C ARG B 131 -4.69 -20.04 20.80
N ASN B 132 -4.39 -20.32 19.54
CA ASN B 132 -4.24 -19.28 18.52
C ASN B 132 -4.89 -19.72 17.22
N ASP B 133 -6.09 -20.28 17.32
CA ASP B 133 -6.90 -20.46 16.12
C ASP B 133 -7.12 -19.10 15.47
N TRP B 134 -7.54 -19.12 14.21
CA TRP B 134 -7.71 -17.92 13.38
C TRP B 134 -6.36 -17.32 12.98
N GLY B 135 -5.25 -17.99 13.28
CA GLY B 135 -3.94 -17.50 12.91
C GLY B 135 -3.07 -18.58 12.30
N ALA B 136 -3.69 -19.50 11.57
CA ALA B 136 -2.99 -20.64 11.00
C ALA B 136 -3.07 -20.65 9.47
N ASP B 137 -3.12 -19.47 8.86
CA ASP B 137 -3.16 -19.34 7.40
C ASP B 137 -4.29 -20.17 6.82
N TRP B 138 -5.51 -19.81 7.21
CA TRP B 138 -6.70 -20.50 6.72
C TRP B 138 -7.18 -19.90 5.41
#